data_7DP0
#
_entry.id   7DP0
#
_cell.length_a   90.626
_cell.length_b   90.626
_cell.length_c   101.642
_cell.angle_alpha   90.0
_cell.angle_beta   90.0
_cell.angle_gamma   90.0
#
_symmetry.space_group_name_H-M   'P 43 21 2'
#
loop_
_entity.id
_entity.type
_entity.pdbx_description
1 polymer 'Nitroreductase family protein'
2 non-polymer 'FLAVIN MONONUCLEOTIDE'
3 water water
#
_entity_poly.entity_id   1
_entity_poly.type   'polypeptide(L)'
_entity_poly.pdbx_seq_one_letter_code
;MPATDTLSLSASEALARRRSVRAFTDRPVDRALLARIFEIAQRAPSGGNLQPWQATVVTGERWQAVQDAVAARIVMGREG
FQPEYDIYPRGLTDPWDSRRFGVGEALYASLGIARDDKAGRIAQFQQNYRGFGAPVMLFLHCSRIMGPPQWADMGMWLQS
VMLLLVEHGLASCPQECWAMYGATVRAELGLGDDQILFSGLAIGHADEEAPVNRWPVPRVGLDEVIDWQGFDA
;
_entity_poly.pdbx_strand_id   A,B
#
loop_
_chem_comp.id
_chem_comp.type
_chem_comp.name
_chem_comp.formula
FMN non-polymer 'FLAVIN MONONUCLEOTIDE' 'C17 H21 N4 O9 P'
#
# COMPACT_ATOMS: atom_id res chain seq x y z
N LEU A 9 0.81 21.77 4.09
CA LEU A 9 -0.26 20.78 4.21
C LEU A 9 0.19 19.57 5.03
N SER A 10 -0.47 19.35 6.16
CA SER A 10 -0.13 18.24 7.05
C SER A 10 -0.47 16.87 6.46
N ALA A 11 0.09 15.81 7.04
CA ALA A 11 -0.19 14.45 6.60
C ALA A 11 -1.68 14.12 6.72
N SER A 12 -2.29 14.55 7.82
CA SER A 12 -3.72 14.38 8.05
C SER A 12 -4.55 15.10 6.99
N GLU A 13 -4.19 16.36 6.73
CA GLU A 13 -4.87 17.18 5.71
C GLU A 13 -4.68 16.58 4.31
N ALA A 14 -3.49 16.10 4.02
CA ALA A 14 -3.21 15.51 2.71
C ALA A 14 -4.09 14.29 2.51
N LEU A 15 -4.21 13.48 3.56
CA LEU A 15 -5.02 12.25 3.53
C LEU A 15 -6.51 12.52 3.34
N ALA A 16 -6.99 13.56 4.01
CA ALA A 16 -8.39 13.98 3.94
C ALA A 16 -8.71 14.53 2.58
N ARG A 17 -7.77 15.28 2.02
CA ARG A 17 -8.00 15.98 0.77
C ARG A 17 -7.74 15.08 -0.43
N ARG A 18 -7.10 13.93 -0.21
CA ARG A 18 -6.85 13.05 -1.35
C ARG A 18 -8.13 12.33 -1.72
N ARG A 19 -8.50 12.43 -3.00
CA ARG A 19 -9.62 11.67 -3.56
C ARG A 19 -9.24 11.24 -4.95
N SER A 20 -10.02 10.28 -5.49
CA SER A 20 -9.85 9.87 -6.87
C SER A 20 -10.48 10.90 -7.82
N VAL A 21 -9.63 11.70 -8.47
CA VAL A 21 -10.09 12.78 -9.31
C VAL A 21 -10.37 12.34 -10.75
N ARG A 22 -11.60 12.57 -11.19
CA ARG A 22 -11.98 12.09 -12.51
C ARG A 22 -12.36 13.24 -13.43
N ALA A 23 -11.71 14.38 -13.20
CA ALA A 23 -11.82 15.54 -14.08
C ALA A 23 -10.60 16.44 -13.85
N PHE A 24 -9.77 16.57 -14.89
CA PHE A 24 -8.51 17.33 -14.78
C PHE A 24 -8.53 18.53 -15.72
N THR A 25 -7.81 19.58 -15.37
CA THR A 25 -7.71 20.71 -16.26
C THR A 25 -6.65 20.45 -17.32
N ASP A 26 -6.73 21.20 -18.40
CA ASP A 26 -5.77 21.15 -19.48
C ASP A 26 -4.62 22.01 -19.04
N ARG A 27 -3.66 21.39 -18.38
CA ARG A 27 -2.58 22.08 -17.69
C ARG A 27 -1.43 21.13 -17.37
N PRO A 28 -0.23 21.48 -17.81
CA PRO A 28 0.88 20.53 -17.71
C PRO A 28 1.36 20.33 -16.27
N VAL A 29 2.02 19.20 -16.07
CA VAL A 29 2.62 18.84 -14.80
C VAL A 29 4.12 19.07 -14.90
N ASP A 30 4.66 19.93 -14.03
CA ASP A 30 6.10 20.20 -13.99
C ASP A 30 6.88 18.92 -13.69
N ARG A 31 7.66 18.46 -14.65
CA ARG A 31 8.35 17.19 -14.48
C ARG A 31 9.38 17.26 -13.36
N ALA A 32 9.99 18.41 -13.17
CA ALA A 32 10.90 18.62 -12.05
C ALA A 32 10.17 18.39 -10.73
N LEU A 33 8.92 18.86 -10.65
CA LEU A 33 8.09 18.63 -9.46
C LEU A 33 7.83 17.14 -9.26
N LEU A 34 7.42 16.46 -10.33
CA LEU A 34 7.19 15.02 -10.30
C LEU A 34 8.39 14.26 -9.71
N ALA A 35 9.58 14.55 -10.20
CA ALA A 35 10.80 13.86 -9.80
C ALA A 35 11.05 14.04 -8.31
N ARG A 36 10.84 15.26 -7.82
CA ARG A 36 11.05 15.50 -6.39
C ARG A 36 10.05 14.71 -5.56
N ILE A 37 8.82 14.58 -6.07
CA ILE A 37 7.81 13.81 -5.36
C ILE A 37 8.20 12.32 -5.34
N PHE A 38 8.69 11.81 -6.46
CA PHE A 38 9.14 10.41 -6.51
C PHE A 38 10.33 10.20 -5.57
N GLU A 39 11.20 11.19 -5.51
CA GLU A 39 12.33 11.14 -4.60
C GLU A 39 11.88 10.85 -3.16
N ILE A 40 10.93 11.64 -2.67
CA ILE A 40 10.41 11.45 -1.31
C ILE A 40 9.56 10.19 -1.19
N ALA A 41 8.75 9.91 -2.20
CA ALA A 41 7.91 8.71 -2.13
C ALA A 41 8.75 7.42 -2.03
N GLN A 42 10.01 7.47 -2.48
CA GLN A 42 10.87 6.28 -2.42
C GLN A 42 11.12 5.86 -0.99
N ARG A 43 10.91 6.79 -0.06
CA ARG A 43 11.08 6.52 1.36
C ARG A 43 9.98 5.62 1.93
N ALA A 44 9.02 5.20 1.09
CA ALA A 44 8.04 4.20 1.51
C ALA A 44 8.79 2.98 1.98
N PRO A 45 8.26 2.30 3.00
CA PRO A 45 8.92 1.09 3.47
C PRO A 45 8.54 -0.08 2.58
N SER A 46 9.23 -1.21 2.74
CA SER A 46 8.91 -2.44 2.03
C SER A 46 9.54 -3.60 2.75
N GLY A 47 8.91 -4.77 2.67
CA GLY A 47 9.47 -5.97 3.26
C GLY A 47 10.91 -6.18 2.77
N GLY A 48 11.86 -6.26 3.71
CA GLY A 48 13.25 -6.45 3.36
C GLY A 48 13.89 -5.34 2.54
N ASN A 49 13.28 -4.15 2.58
CA ASN A 49 13.70 -2.98 1.80
C ASN A 49 13.84 -3.33 0.32
N LEU A 50 13.04 -4.28 -0.15
CA LEU A 50 13.13 -4.73 -1.54
C LEU A 50 12.75 -3.58 -2.50
N GLN A 51 11.91 -2.64 -2.06
CA GLN A 51 11.40 -1.58 -2.95
C GLN A 51 10.95 -2.13 -4.33
N PRO A 52 10.02 -3.09 -4.34
CA PRO A 52 9.72 -3.83 -5.59
C PRO A 52 9.05 -3.00 -6.69
N TRP A 53 8.56 -1.81 -6.38
CA TRP A 53 7.84 -1.00 -7.35
C TRP A 53 8.74 -0.49 -8.48
N GLN A 54 8.18 -0.52 -9.68
CA GLN A 54 8.76 0.07 -10.87
C GLN A 54 7.68 0.92 -11.52
N ALA A 55 8.05 2.02 -12.14
CA ALA A 55 7.05 2.88 -12.77
C ALA A 55 7.50 3.39 -14.14
N THR A 56 6.57 3.40 -15.06
CA THR A 56 6.81 4.05 -16.34
C THR A 56 5.86 5.26 -16.39
N VAL A 57 6.42 6.45 -16.47
CA VAL A 57 5.61 7.66 -16.55
C VAL A 57 5.56 8.16 -18.01
N VAL A 58 4.35 8.37 -18.54
CA VAL A 58 4.20 8.79 -19.93
C VAL A 58 3.42 10.09 -20.05
N THR A 59 3.77 10.85 -21.08
CA THR A 59 3.04 12.04 -21.40
C THR A 59 3.15 12.26 -22.92
N GLY A 60 2.51 13.33 -23.38
CA GLY A 60 2.54 13.68 -24.78
C GLY A 60 2.18 12.53 -25.71
N GLU A 61 2.99 12.38 -26.75
CA GLU A 61 2.72 11.47 -27.85
C GLU A 61 2.75 10.02 -27.40
N ARG A 62 3.59 9.72 -26.42
CA ARG A 62 3.67 8.36 -25.86
C ARG A 62 2.40 8.00 -25.10
N TRP A 63 1.93 8.95 -24.30
CA TRP A 63 0.66 8.85 -23.60
C TRP A 63 -0.45 8.68 -24.65
N GLN A 64 -0.30 9.35 -25.79
CA GLN A 64 -1.30 9.27 -26.84
C GLN A 64 -1.28 7.89 -27.51
N ALA A 65 -0.09 7.32 -27.66
CA ALA A 65 0.04 6.00 -28.27
C ALA A 65 -0.61 4.92 -27.43
N VAL A 66 -0.38 4.94 -26.12
CA VAL A 66 -0.98 3.98 -25.21
C VAL A 66 -2.51 4.05 -25.33
N GLN A 67 -3.05 5.27 -25.26
CA GLN A 67 -4.50 5.44 -25.38
C GLN A 67 -5.01 4.81 -26.68
N ASP A 68 -4.33 5.09 -27.79
CA ASP A 68 -4.75 4.59 -29.10
C ASP A 68 -4.73 3.07 -29.16
N ALA A 69 -3.64 2.49 -28.65
CA ALA A 69 -3.46 1.04 -28.67
C ALA A 69 -4.58 0.36 -27.88
N VAL A 70 -4.89 0.92 -26.73
CA VAL A 70 -5.95 0.35 -25.90
C VAL A 70 -7.33 0.60 -26.52
N ALA A 71 -7.52 1.78 -27.12
CA ALA A 71 -8.79 2.08 -27.78
C ALA A 71 -9.10 1.03 -28.85
N ALA A 72 -8.05 0.64 -29.58
CA ALA A 72 -8.19 -0.39 -30.61
C ALA A 72 -8.67 -1.70 -30.02
N ARG A 73 -8.32 -1.94 -28.75
CA ARG A 73 -8.73 -3.18 -28.09
C ARG A 73 -10.14 -3.05 -27.55
N ILE A 74 -10.47 -1.85 -27.05
CA ILE A 74 -11.79 -1.59 -26.47
C ILE A 74 -12.94 -1.86 -27.46
N VAL A 75 -12.80 -1.41 -28.70
CA VAL A 75 -13.86 -1.62 -29.69
C VAL A 75 -14.02 -3.09 -30.08
N MET A 76 -13.10 -3.95 -29.65
CA MET A 76 -13.24 -5.38 -29.88
C MET A 76 -14.25 -6.00 -28.93
N GLY A 77 -14.64 -5.24 -27.93
CA GLY A 77 -15.59 -5.72 -26.95
C GLY A 77 -14.97 -6.70 -25.97
N ARG A 78 -15.73 -7.68 -25.56
CA ARG A 78 -15.23 -8.58 -24.51
C ARG A 78 -14.09 -9.43 -25.07
N GLU A 79 -14.14 -9.68 -26.36
CA GLU A 79 -13.07 -10.38 -27.08
C GLU A 79 -11.70 -9.69 -26.96
N GLY A 80 -11.67 -8.37 -26.79
CA GLY A 80 -10.42 -7.63 -26.71
C GLY A 80 -9.73 -7.64 -25.35
N PHE A 81 -10.45 -8.07 -24.32
CA PHE A 81 -9.89 -7.98 -22.95
C PHE A 81 -8.63 -8.82 -22.77
N GLN A 82 -7.64 -8.28 -22.04
CA GLN A 82 -6.41 -9.02 -21.69
C GLN A 82 -6.08 -8.80 -20.20
N PRO A 83 -6.81 -9.48 -19.31
CA PRO A 83 -6.67 -9.23 -17.87
C PRO A 83 -5.29 -9.65 -17.38
N GLU A 84 -4.56 -8.75 -16.71
CA GLU A 84 -3.30 -9.11 -16.08
C GLU A 84 -3.52 -10.10 -14.94
N TYR A 85 -4.70 -10.03 -14.33
CA TYR A 85 -4.99 -10.75 -13.10
C TYR A 85 -6.45 -10.49 -12.79
N ASP A 86 -6.94 -11.13 -11.73
CA ASP A 86 -8.31 -10.91 -11.33
C ASP A 86 -8.34 -9.59 -10.57
N ILE A 87 -8.95 -8.58 -11.17
CA ILE A 87 -9.01 -7.26 -10.54
C ILE A 87 -9.81 -7.35 -9.24
N TYR A 88 -10.99 -7.96 -9.33
CA TYR A 88 -11.77 -8.26 -8.15
C TYR A 88 -11.76 -9.77 -7.88
N PRO A 89 -11.90 -10.17 -6.62
CA PRO A 89 -11.98 -11.62 -6.33
C PRO A 89 -13.19 -12.24 -7.03
N ARG A 90 -12.98 -13.39 -7.64
CA ARG A 90 -14.06 -14.13 -8.30
C ARG A 90 -15.22 -14.45 -7.36
N GLY A 91 -14.88 -14.86 -6.15
CA GLY A 91 -15.91 -15.16 -5.17
C GLY A 91 -16.19 -13.95 -4.29
N LEU A 92 -16.27 -12.77 -4.89
CA LEU A 92 -16.55 -11.58 -4.11
C LEU A 92 -17.98 -11.61 -3.59
N THR A 93 -18.11 -11.31 -2.29
CA THR A 93 -19.39 -11.28 -1.61
C THR A 93 -19.54 -9.99 -0.82
N ASP A 94 -20.69 -9.81 -0.21
CA ASP A 94 -20.85 -8.77 0.79
C ASP A 94 -20.04 -9.14 2.04
N PRO A 95 -19.62 -8.13 2.82
CA PRO A 95 -19.92 -6.70 2.73
C PRO A 95 -19.22 -5.97 1.57
N TRP A 96 -18.22 -6.59 0.98
CA TRP A 96 -17.35 -5.89 0.04
C TRP A 96 -17.99 -5.45 -1.27
N ASP A 97 -18.75 -6.34 -1.91
CA ASP A 97 -19.30 -6.02 -3.23
C ASP A 97 -20.18 -4.78 -3.20
N SER A 98 -21.02 -4.67 -2.18
CA SER A 98 -21.91 -3.53 -2.02
C SER A 98 -21.15 -2.21 -1.89
N ARG A 99 -19.96 -2.25 -1.28
CA ARG A 99 -19.13 -1.05 -1.12
C ARG A 99 -18.78 -0.44 -2.47
N ARG A 100 -18.55 -1.28 -3.48
CA ARG A 100 -18.25 -0.83 -4.84
C ARG A 100 -19.33 0.05 -5.42
N PHE A 101 -20.55 -0.45 -5.31
CA PHE A 101 -21.72 0.16 -5.93
C PHE A 101 -22.23 1.37 -5.16
N GLY A 102 -22.01 1.40 -3.85
CA GLY A 102 -22.29 2.59 -3.07
C GLY A 102 -21.49 3.76 -3.62
N VAL A 103 -20.18 3.57 -3.86
CA VAL A 103 -19.36 4.64 -4.41
C VAL A 103 -19.77 4.94 -5.87
N GLY A 104 -20.10 3.89 -6.62
CA GLY A 104 -20.56 4.02 -7.99
C GLY A 104 -21.79 4.90 -8.09
N GLU A 105 -22.78 4.59 -7.25
CA GLU A 105 -24.03 5.33 -7.12
C GLU A 105 -23.81 6.83 -6.96
N ALA A 106 -22.91 7.17 -6.03
CA ALA A 106 -22.53 8.55 -5.76
C ALA A 106 -21.90 9.23 -6.98
N LEU A 107 -20.92 8.55 -7.58
CA LEU A 107 -20.19 9.07 -8.76
C LEU A 107 -21.09 9.43 -9.93
N TYR A 108 -21.92 8.47 -10.35
CA TYR A 108 -22.81 8.67 -11.49
C TYR A 108 -23.92 9.65 -11.15
N ALA A 109 -24.34 9.65 -9.88
CA ALA A 109 -25.31 10.62 -9.35
C ALA A 109 -24.76 12.02 -9.44
N SER A 110 -23.48 12.17 -9.09
CA SER A 110 -22.81 13.46 -9.13
C SER A 110 -22.76 13.99 -10.57
N LEU A 111 -22.73 13.09 -11.54
CA LEU A 111 -22.78 13.48 -12.95
C LEU A 111 -24.24 13.77 -13.33
N GLY A 112 -24.56 13.68 -14.61
CA GLY A 112 -25.93 13.92 -15.04
C GLY A 112 -26.43 12.76 -15.86
N ILE A 113 -26.24 11.55 -15.34
CA ILE A 113 -26.66 10.33 -16.02
C ILE A 113 -27.56 9.46 -15.13
N ALA A 114 -28.73 9.07 -15.65
CA ALA A 114 -29.70 8.34 -14.85
C ALA A 114 -29.17 6.94 -14.54
N ARG A 115 -29.82 6.23 -13.61
CA ARG A 115 -29.40 4.89 -13.23
C ARG A 115 -29.57 3.88 -14.36
N ASP A 116 -30.79 3.80 -14.87
CA ASP A 116 -31.14 2.92 -15.99
C ASP A 116 -30.35 3.22 -17.28
N ASP A 117 -29.87 4.45 -17.42
CA ASP A 117 -29.19 4.88 -18.65
C ASP A 117 -27.87 4.13 -18.84
N LYS A 118 -27.94 2.90 -19.36
CA LYS A 118 -26.75 2.08 -19.52
C LYS A 118 -25.81 2.62 -20.60
N ALA A 119 -26.37 3.30 -21.61
CA ALA A 119 -25.58 3.89 -22.67
C ALA A 119 -24.62 4.97 -22.15
N GLY A 120 -25.16 5.92 -21.39
CA GLY A 120 -24.38 7.05 -20.91
C GLY A 120 -23.33 6.73 -19.87
N ARG A 121 -23.64 5.76 -19.00
CA ARG A 121 -22.69 5.37 -17.97
C ARG A 121 -21.53 4.60 -18.60
N ILE A 122 -21.80 3.91 -19.70
CA ILE A 122 -20.73 3.26 -20.46
C ILE A 122 -19.78 4.32 -20.99
N ALA A 123 -20.36 5.38 -21.55
CA ALA A 123 -19.58 6.46 -22.13
C ALA A 123 -18.66 7.10 -21.09
N GLN A 124 -19.20 7.44 -19.93
CA GLN A 124 -18.38 7.98 -18.85
C GLN A 124 -17.33 6.98 -18.39
N PHE A 125 -17.67 5.69 -18.37
CA PHE A 125 -16.69 4.66 -18.02
C PHE A 125 -15.45 4.71 -18.94
N GLN A 126 -15.69 4.76 -20.25
CA GLN A 126 -14.61 4.82 -21.24
C GLN A 126 -13.66 6.00 -21.07
N GLN A 127 -14.15 7.08 -20.46
CA GLN A 127 -13.30 8.21 -20.08
C GLN A 127 -12.09 7.71 -19.26
N ASN A 128 -12.23 6.56 -18.58
CA ASN A 128 -11.11 5.95 -17.86
C ASN A 128 -9.88 5.81 -18.75
N TYR A 129 -10.12 5.43 -20.00
CA TYR A 129 -9.02 5.13 -20.93
C TYR A 129 -8.45 6.36 -21.61
N ARG A 130 -8.97 7.52 -21.23
CA ARG A 130 -8.36 8.79 -21.55
C ARG A 130 -7.67 9.31 -20.29
N GLY A 131 -7.66 8.51 -19.23
CA GLY A 131 -7.14 8.97 -17.96
C GLY A 131 -7.91 10.21 -17.46
N PHE A 132 -9.19 10.30 -17.83
CA PHE A 132 -10.04 11.41 -17.40
C PHE A 132 -9.43 12.77 -17.77
N GLY A 133 -8.68 12.80 -18.87
CA GLY A 133 -8.12 14.03 -19.38
C GLY A 133 -6.84 14.48 -18.71
N ALA A 134 -6.21 13.59 -17.94
CA ALA A 134 -4.94 13.93 -17.29
C ALA A 134 -3.80 14.04 -18.30
N PRO A 135 -2.89 15.01 -18.10
CA PRO A 135 -1.75 15.19 -19.00
C PRO A 135 -0.67 14.11 -18.83
N VAL A 136 -0.70 13.41 -17.70
CA VAL A 136 0.33 12.44 -17.37
C VAL A 136 -0.30 11.15 -16.87
N MET A 137 0.20 10.02 -17.36
CA MET A 137 -0.19 8.71 -16.82
C MET A 137 1.00 7.97 -16.31
N LEU A 138 0.90 7.52 -15.06
CA LEU A 138 1.93 6.72 -14.44
C LEU A 138 1.49 5.25 -14.49
N PHE A 139 2.37 4.36 -14.93
CA PHE A 139 2.08 2.92 -14.91
C PHE A 139 2.96 2.19 -13.90
N LEU A 140 2.32 1.58 -12.90
CA LEU A 140 3.03 0.88 -11.83
C LEU A 140 3.08 -0.62 -12.08
N HIS A 141 4.29 -1.17 -12.12
CA HIS A 141 4.50 -2.56 -12.49
C HIS A 141 5.69 -3.17 -11.72
N CYS A 142 5.81 -4.48 -11.77
CA CYS A 142 6.87 -5.18 -11.06
C CYS A 142 7.11 -6.50 -11.73
N SER A 143 8.22 -7.14 -11.37
CA SER A 143 8.55 -8.47 -11.85
C SER A 143 7.49 -9.46 -11.42
N ARG A 144 7.24 -10.46 -12.29
CA ARG A 144 6.24 -11.49 -12.03
C ARG A 144 6.71 -12.46 -10.93
N ILE A 145 7.96 -12.31 -10.50
CA ILE A 145 8.45 -13.14 -9.40
C ILE A 145 7.90 -12.66 -8.06
N MET A 146 7.38 -11.42 -8.02
CA MET A 146 6.87 -10.83 -6.78
C MET A 146 5.56 -11.45 -6.29
N GLY A 147 5.44 -11.63 -4.99
CA GLY A 147 4.23 -12.19 -4.39
C GLY A 147 3.37 -11.09 -3.76
N PRO A 148 2.23 -11.49 -3.18
CA PRO A 148 1.28 -10.61 -2.50
C PRO A 148 1.90 -9.57 -1.54
N PRO A 149 2.86 -9.96 -0.67
CA PRO A 149 3.37 -8.88 0.20
C PRO A 149 4.11 -7.81 -0.59
N GLN A 150 4.76 -8.15 -1.70
CA GLN A 150 5.41 -7.10 -2.49
C GLN A 150 4.37 -6.22 -3.19
N TRP A 151 3.20 -6.78 -3.44
CA TRP A 151 2.11 -5.99 -4.00
C TRP A 151 1.64 -5.02 -2.91
N ALA A 152 1.66 -5.46 -1.66
CA ALA A 152 1.34 -4.55 -0.57
C ALA A 152 2.40 -3.47 -0.51
N ASP A 153 3.67 -3.85 -0.74
CA ASP A 153 4.75 -2.84 -0.81
C ASP A 153 4.42 -1.77 -1.87
N MET A 154 3.97 -2.23 -3.05
CA MET A 154 3.61 -1.32 -4.15
C MET A 154 2.53 -0.32 -3.68
N GLY A 155 1.55 -0.84 -2.95
CA GLY A 155 0.50 -0.02 -2.38
C GLY A 155 1.01 1.07 -1.46
N MET A 156 1.96 0.73 -0.60
CA MET A 156 2.55 1.72 0.29
C MET A 156 3.19 2.86 -0.51
N TRP A 157 3.87 2.50 -1.60
CA TRP A 157 4.56 3.48 -2.46
C TRP A 157 3.51 4.30 -3.18
N LEU A 158 2.52 3.65 -3.78
CA LEU A 158 1.49 4.38 -4.53
C LEU A 158 0.76 5.40 -3.63
N GLN A 159 0.35 5.00 -2.42
CA GLN A 159 -0.35 5.93 -1.54
C GLN A 159 0.58 7.10 -1.18
N SER A 160 1.87 6.81 -0.99
CA SER A 160 2.83 7.88 -0.70
C SER A 160 2.83 8.95 -1.78
N VAL A 161 2.91 8.48 -3.02
CA VAL A 161 2.86 9.38 -4.19
C VAL A 161 1.58 10.18 -4.20
N MET A 162 0.43 9.49 -4.07
CA MET A 162 -0.86 10.17 -4.15
C MET A 162 -0.97 11.27 -3.08
N LEU A 163 -0.54 10.95 -1.86
CA LEU A 163 -0.54 11.94 -0.78
C LEU A 163 0.39 13.12 -1.09
N LEU A 164 1.57 12.83 -1.64
CA LEU A 164 2.54 13.88 -1.94
C LEU A 164 2.02 14.78 -3.06
N LEU A 165 1.30 14.19 -4.02
CA LEU A 165 0.75 14.96 -5.13
C LEU A 165 -0.21 16.04 -4.61
N VAL A 166 -1.10 15.64 -3.70
CA VAL A 166 -2.05 16.55 -3.03
C VAL A 166 -1.38 17.67 -2.22
N GLU A 167 -0.33 17.31 -1.49
CA GLU A 167 0.45 18.27 -0.75
C GLU A 167 1.03 19.34 -1.67
N HIS A 168 1.34 18.93 -2.90
CA HIS A 168 1.94 19.88 -3.85
C HIS A 168 0.90 20.46 -4.81
N GLY A 169 -0.38 20.30 -4.48
CA GLY A 169 -1.44 20.91 -5.27
C GLY A 169 -1.75 20.18 -6.58
N LEU A 170 -1.26 18.96 -6.71
CA LEU A 170 -1.61 18.12 -7.86
C LEU A 170 -2.68 17.15 -7.42
N ALA A 171 -3.09 16.24 -8.30
CA ALA A 171 -4.16 15.31 -7.96
C ALA A 171 -4.01 14.04 -8.78
N SER A 172 -4.73 13.00 -8.40
CA SER A 172 -4.57 11.75 -9.12
C SER A 172 -5.82 10.87 -9.10
N CYS A 173 -5.83 9.87 -9.98
CA CYS A 173 -6.84 8.81 -9.92
C CYS A 173 -6.14 7.49 -10.21
N PRO A 174 -6.11 6.59 -9.22
CA PRO A 174 -5.54 5.26 -9.45
C PRO A 174 -6.47 4.44 -10.33
N GLN A 175 -5.91 3.66 -11.25
CA GLN A 175 -6.74 2.99 -12.24
C GLN A 175 -6.30 1.55 -12.52
N GLU A 176 -7.11 0.60 -12.09
CA GLU A 176 -6.85 -0.79 -12.39
C GLU A 176 -7.47 -1.18 -13.75
N CYS A 177 -8.26 -0.28 -14.32
CA CYS A 177 -8.89 -0.57 -15.61
C CYS A 177 -7.82 -0.85 -16.70
N TRP A 178 -6.64 -0.26 -16.53
CA TRP A 178 -5.53 -0.53 -17.47
C TRP A 178 -5.08 -2.01 -17.47
N ALA A 179 -5.23 -2.67 -16.32
CA ALA A 179 -4.84 -4.08 -16.21
C ALA A 179 -5.75 -4.97 -17.04
N MET A 180 -6.93 -4.47 -17.42
CA MET A 180 -7.82 -5.19 -18.34
C MET A 180 -7.16 -5.35 -19.72
N TYR A 181 -6.17 -4.53 -20.02
CA TYR A 181 -5.48 -4.67 -21.30
C TYR A 181 -3.96 -4.67 -21.05
N GLY A 182 -3.54 -5.44 -20.05
CA GLY A 182 -2.16 -5.44 -19.61
C GLY A 182 -1.12 -5.63 -20.70
N ALA A 183 -1.31 -6.62 -21.57
CA ALA A 183 -0.30 -6.95 -22.58
C ALA A 183 -0.14 -5.86 -23.64
N THR A 184 -1.26 -5.25 -24.03
CA THR A 184 -1.26 -4.12 -24.95
C THR A 184 -0.52 -2.95 -24.33
N VAL A 185 -0.80 -2.70 -23.05
CA VAL A 185 -0.14 -1.61 -22.35
C VAL A 185 1.37 -1.93 -22.20
N ARG A 186 1.69 -3.14 -21.77
CA ARG A 186 3.10 -3.51 -21.62
C ARG A 186 3.81 -3.43 -23.00
N ALA A 187 3.14 -3.91 -24.05
CA ALA A 187 3.77 -3.91 -25.39
C ALA A 187 4.03 -2.48 -25.87
N GLU A 188 3.08 -1.60 -25.60
CA GLU A 188 3.17 -0.22 -26.06
C GLU A 188 4.27 0.52 -25.31
N LEU A 189 4.43 0.19 -24.04
CA LEU A 189 5.44 0.85 -23.22
C LEU A 189 6.84 0.28 -23.49
N GLY A 190 6.89 -0.88 -24.14
CA GLY A 190 8.15 -1.58 -24.38
C GLY A 190 8.56 -2.42 -23.20
N LEU A 191 7.60 -2.80 -22.36
CA LEU A 191 7.94 -3.65 -21.22
C LEU A 191 7.88 -5.13 -21.61
N GLY A 192 8.80 -5.93 -21.08
CA GLY A 192 8.86 -7.37 -21.37
C GLY A 192 7.83 -8.16 -20.57
N ASP A 193 7.79 -9.47 -20.80
CA ASP A 193 6.82 -10.34 -20.11
C ASP A 193 7.32 -10.83 -18.76
N ASP A 194 8.49 -10.37 -18.35
CA ASP A 194 8.98 -10.64 -17.01
C ASP A 194 8.21 -9.73 -16.03
N GLN A 195 7.54 -8.71 -16.59
CA GLN A 195 6.86 -7.69 -15.81
C GLN A 195 5.36 -7.91 -15.82
N ILE A 196 4.72 -7.54 -14.72
CA ILE A 196 3.28 -7.58 -14.68
C ILE A 196 2.78 -6.17 -14.35
N LEU A 197 1.76 -5.71 -15.06
CA LEU A 197 1.20 -4.38 -14.82
C LEU A 197 0.20 -4.45 -13.69
N PHE A 198 0.41 -3.65 -12.65
CA PHE A 198 -0.56 -3.60 -11.56
C PHE A 198 -1.62 -2.54 -11.83
N SER A 199 -1.21 -1.29 -11.91
CA SER A 199 -2.17 -0.20 -11.95
C SER A 199 -1.62 1.01 -12.69
N GLY A 200 -2.52 1.86 -13.17
CA GLY A 200 -2.10 3.14 -13.69
C GLY A 200 -2.36 4.18 -12.63
N LEU A 201 -1.79 5.38 -12.81
CA LEU A 201 -2.10 6.50 -11.95
C LEU A 201 -2.18 7.77 -12.80
N ALA A 202 -3.40 8.24 -13.05
CA ALA A 202 -3.58 9.48 -13.78
C ALA A 202 -3.11 10.61 -12.89
N ILE A 203 -2.33 11.54 -13.46
CA ILE A 203 -1.77 12.62 -12.67
C ILE A 203 -1.97 13.94 -13.40
N GLY A 204 -2.43 14.95 -12.65
CA GLY A 204 -2.56 16.27 -13.21
C GLY A 204 -3.16 17.22 -12.18
N HIS A 205 -3.62 18.36 -12.66
CA HIS A 205 -4.33 19.34 -11.85
C HIS A 205 -5.84 19.11 -11.88
N ALA A 206 -6.44 18.99 -10.70
CA ALA A 206 -7.88 18.77 -10.60
C ALA A 206 -8.67 19.96 -11.13
N ASP A 207 -9.80 19.65 -11.72
CA ASP A 207 -10.82 20.66 -11.99
C ASP A 207 -11.67 20.71 -10.72
N GLU A 208 -11.47 21.73 -9.89
CA GLU A 208 -12.06 21.69 -8.57
C GLU A 208 -13.52 22.11 -8.59
N GLU A 209 -13.97 22.61 -9.74
CA GLU A 209 -15.37 22.95 -9.95
C GLU A 209 -16.16 21.80 -10.56
N ALA A 210 -15.48 20.76 -11.00
CA ALA A 210 -16.18 19.63 -11.60
C ALA A 210 -16.93 18.88 -10.53
N PRO A 211 -18.24 18.67 -10.75
CA PRO A 211 -19.12 17.98 -9.82
C PRO A 211 -18.62 16.57 -9.51
N VAL A 212 -18.05 15.94 -10.52
CA VAL A 212 -17.53 14.59 -10.33
C VAL A 212 -16.38 14.62 -9.31
N ASN A 213 -15.83 15.80 -9.03
CA ASN A 213 -14.76 15.90 -8.03
C ASN A 213 -15.23 16.41 -6.67
N ARG A 214 -16.55 16.60 -6.50
CA ARG A 214 -17.06 17.29 -5.31
C ARG A 214 -17.98 16.46 -4.42
N TRP A 215 -18.42 15.30 -4.88
CA TRP A 215 -19.32 14.51 -4.06
C TRP A 215 -18.56 13.85 -2.92
N PRO A 216 -19.20 13.73 -1.74
CA PRO A 216 -18.59 13.08 -0.57
C PRO A 216 -18.43 11.57 -0.75
N VAL A 217 -17.21 11.08 -0.70
CA VAL A 217 -16.97 9.64 -0.90
C VAL A 217 -17.07 8.90 0.44
N PRO A 218 -17.90 7.85 0.48
CA PRO A 218 -18.17 7.08 1.71
C PRO A 218 -17.01 6.17 2.17
N ARG A 219 -17.04 5.80 3.45
CA ARG A 219 -16.15 4.78 4.01
C ARG A 219 -16.95 4.07 5.09
N VAL A 220 -16.73 2.76 5.29
CA VAL A 220 -17.42 2.09 6.39
C VAL A 220 -16.87 2.62 7.72
N GLY A 221 -17.65 2.44 8.78
CA GLY A 221 -17.27 2.89 10.11
C GLY A 221 -16.15 2.03 10.65
N LEU A 222 -15.46 2.53 11.68
CA LEU A 222 -14.36 1.78 12.26
C LEU A 222 -14.82 0.46 12.89
N ASP A 223 -16.10 0.34 13.21
CA ASP A 223 -16.60 -0.90 13.82
C ASP A 223 -16.60 -2.07 12.83
N GLU A 224 -16.48 -1.77 11.54
CA GLU A 224 -16.37 -2.82 10.53
C GLU A 224 -14.92 -3.14 10.21
N VAL A 225 -14.00 -2.43 10.84
CA VAL A 225 -12.60 -2.53 10.46
C VAL A 225 -11.71 -2.98 11.61
N ILE A 226 -11.90 -2.35 12.76
CA ILE A 226 -10.99 -2.51 13.89
C ILE A 226 -11.60 -3.24 15.08
N ASP A 227 -10.89 -4.26 15.57
CA ASP A 227 -11.15 -4.90 16.86
C ASP A 227 -10.09 -4.49 17.90
N TRP A 228 -10.54 -4.03 19.07
CA TRP A 228 -9.62 -3.69 20.17
C TRP A 228 -9.58 -4.77 21.22
N GLN A 229 -8.37 -5.24 21.55
CA GLN A 229 -8.21 -6.26 22.57
C GLN A 229 -7.15 -5.87 23.59
N GLY A 230 -7.53 -5.91 24.87
CA GLY A 230 -6.61 -5.68 25.97
C GLY A 230 -6.56 -4.28 26.56
N PHE A 231 -7.40 -3.38 26.04
CA PHE A 231 -7.39 -1.99 26.48
C PHE A 231 -8.37 -1.75 27.62
N LEU B 9 3.37 18.58 11.37
CA LEU B 9 4.29 17.89 10.47
C LEU B 9 3.67 17.70 9.08
N SER B 10 4.29 18.27 8.04
CA SER B 10 3.75 18.13 6.69
C SER B 10 3.83 16.70 6.21
N ALA B 11 3.09 16.38 5.15
CA ALA B 11 3.09 15.04 4.57
C ALA B 11 4.50 14.62 4.10
N SER B 12 5.24 15.57 3.54
CA SER B 12 6.63 15.33 3.14
C SER B 12 7.50 14.95 4.33
N GLU B 13 7.37 15.73 5.41
CA GLU B 13 8.12 15.50 6.64
C GLU B 13 7.77 14.18 7.28
N ALA B 14 6.47 13.83 7.26
CA ALA B 14 6.04 12.59 7.86
C ALA B 14 6.69 11.42 7.16
N LEU B 15 6.72 11.48 5.83
CA LEU B 15 7.26 10.42 5.01
C LEU B 15 8.77 10.29 5.23
N ALA B 16 9.45 11.43 5.34
CA ALA B 16 10.89 11.44 5.55
C ALA B 16 11.26 10.92 6.94
N ARG B 17 10.47 11.28 7.95
CA ARG B 17 10.79 10.95 9.33
C ARG B 17 10.32 9.54 9.78
N ARG B 18 9.47 8.90 8.99
CA ARG B 18 9.01 7.54 9.32
C ARG B 18 10.11 6.55 9.02
N ARG B 19 10.43 5.72 10.01
CA ARG B 19 11.35 4.62 9.81
C ARG B 19 10.82 3.40 10.55
N SER B 20 11.37 2.24 10.26
CA SER B 20 11.00 1.07 11.02
C SER B 20 11.69 1.11 12.37
N VAL B 21 10.93 1.41 13.41
CA VAL B 21 11.46 1.55 14.77
C VAL B 21 11.51 0.20 15.53
N ARG B 22 12.70 -0.16 16.01
CA ARG B 22 12.91 -1.45 16.63
C ARG B 22 13.41 -1.33 18.07
N ALA B 23 12.98 -0.26 18.75
CA ALA B 23 13.20 -0.05 20.18
C ALA B 23 12.20 0.99 20.68
N PHE B 24 11.31 0.59 21.59
CA PHE B 24 10.24 1.44 22.09
C PHE B 24 10.34 1.73 23.58
N THR B 25 9.83 2.90 24.01
CA THR B 25 9.78 3.23 25.45
C THR B 25 8.54 2.61 26.05
N ASP B 26 8.49 2.56 27.37
CA ASP B 26 7.34 2.00 28.05
C ASP B 26 6.16 2.96 28.08
N ARG B 27 6.26 4.06 27.36
CA ARG B 27 5.23 5.07 27.44
C ARG B 27 3.96 4.54 26.77
N PRO B 28 2.81 4.61 27.47
CA PRO B 28 1.58 4.00 26.99
C PRO B 28 1.01 4.68 25.75
N VAL B 29 0.15 3.97 25.03
CA VAL B 29 -0.46 4.57 23.86
C VAL B 29 -1.91 4.93 24.10
N ASP B 30 -2.22 6.22 24.01
CA ASP B 30 -3.58 6.71 24.17
C ASP B 30 -4.52 6.10 23.12
N ARG B 31 -5.47 5.29 23.56
CA ARG B 31 -6.36 4.59 22.61
C ARG B 31 -7.19 5.61 21.83
N ALA B 32 -7.54 6.69 22.50
CA ALA B 32 -8.29 7.79 21.87
C ALA B 32 -7.52 8.36 20.69
N LEU B 33 -6.19 8.45 20.84
CA LEU B 33 -5.34 8.89 19.74
C LEU B 33 -5.33 7.86 18.62
N LEU B 34 -5.09 6.59 18.98
CA LEU B 34 -5.11 5.51 17.99
C LEU B 34 -6.39 5.53 17.17
N ALA B 35 -7.52 5.58 17.87
CA ALA B 35 -8.84 5.49 17.22
C ALA B 35 -9.03 6.62 16.23
N ARG B 36 -8.63 7.83 16.61
CA ARG B 36 -8.71 8.98 15.71
C ARG B 36 -7.81 8.82 14.48
N ILE B 37 -6.68 8.14 14.65
CA ILE B 37 -5.75 7.89 13.58
C ILE B 37 -6.35 6.93 12.56
N PHE B 38 -7.02 5.90 13.07
CA PHE B 38 -7.71 4.92 12.27
C PHE B 38 -8.87 5.52 11.50
N GLU B 39 -9.60 6.44 12.12
CA GLU B 39 -10.67 7.18 11.45
C GLU B 39 -10.11 7.84 10.19
N ILE B 40 -9.00 8.54 10.33
CA ILE B 40 -8.40 9.19 9.18
C ILE B 40 -7.81 8.20 8.17
N ALA B 41 -7.16 7.15 8.68
CA ALA B 41 -6.48 6.19 7.81
C ALA B 41 -7.47 5.46 6.89
N GLN B 42 -8.73 5.40 7.31
CA GLN B 42 -9.77 4.75 6.53
C GLN B 42 -9.99 5.49 5.21
N ARG B 43 -9.57 6.76 5.14
CA ARG B 43 -9.68 7.55 3.91
C ARG B 43 -8.70 7.11 2.82
N ALA B 44 -7.88 6.12 3.15
CA ALA B 44 -7.02 5.50 2.16
C ALA B 44 -7.88 5.01 0.97
N PRO B 45 -7.36 5.07 -0.26
CA PRO B 45 -8.19 4.55 -1.36
C PRO B 45 -8.13 3.03 -1.44
N SER B 46 -9.00 2.45 -2.25
CA SER B 46 -8.88 1.03 -2.54
C SER B 46 -9.62 0.74 -3.85
N GLY B 47 -9.16 -0.26 -4.58
CA GLY B 47 -9.84 -0.66 -5.81
C GLY B 47 -11.31 -0.91 -5.54
N GLY B 48 -12.20 -0.21 -6.24
CA GLY B 48 -13.64 -0.35 -6.04
C GLY B 48 -14.14 0.04 -4.65
N ASN B 49 -13.35 0.82 -3.91
CA ASN B 49 -13.67 1.17 -2.53
C ASN B 49 -13.96 -0.09 -1.69
N LEU B 50 -13.30 -1.20 -2.02
CA LEU B 50 -13.56 -2.43 -1.29
C LEU B 50 -13.17 -2.30 0.19
N GLN B 51 -12.18 -1.44 0.48
CA GLN B 51 -11.64 -1.30 1.83
C GLN B 51 -11.44 -2.67 2.50
N PRO B 52 -10.64 -3.53 1.86
CA PRO B 52 -10.56 -4.94 2.27
C PRO B 52 -9.81 -5.16 3.58
N TRP B 53 -9.06 -4.16 4.03
CA TRP B 53 -8.22 -4.33 5.20
C TRP B 53 -9.04 -4.58 6.47
N GLN B 54 -8.55 -5.49 7.29
CA GLN B 54 -9.13 -5.66 8.62
C GLN B 54 -8.03 -5.66 9.66
N ALA B 55 -8.30 -5.13 10.85
CA ALA B 55 -7.23 -5.12 11.85
C ALA B 55 -7.72 -5.53 13.23
N THR B 56 -6.90 -6.32 13.90
CA THR B 56 -7.13 -6.62 15.30
C THR B 56 -5.96 -6.03 16.06
N VAL B 57 -6.24 -5.07 16.92
CA VAL B 57 -5.21 -4.41 17.69
C VAL B 57 -5.17 -4.99 19.10
N VAL B 58 -3.99 -5.36 19.58
CA VAL B 58 -3.89 -5.93 20.91
C VAL B 58 -2.91 -5.19 21.82
N THR B 59 -3.20 -5.18 23.12
CA THR B 59 -2.30 -4.62 24.12
C THR B 59 -2.53 -5.39 25.40
N GLY B 60 -1.84 -4.99 26.47
CA GLY B 60 -1.99 -5.63 27.77
C GLY B 60 -1.86 -7.14 27.79
N GLU B 61 -2.81 -7.79 28.47
CA GLU B 61 -2.77 -9.23 28.72
C GLU B 61 -2.94 -10.05 27.44
N ARG B 62 -3.81 -9.56 26.56
CA ARG B 62 -4.06 -10.21 25.28
C ARG B 62 -2.84 -10.15 24.37
N TRP B 63 -2.15 -9.01 24.41
CA TRP B 63 -0.89 -8.88 23.69
C TRP B 63 0.15 -9.88 24.20
N GLN B 64 0.26 -10.07 25.51
CA GLN B 64 1.28 -10.98 26.04
C GLN B 64 0.91 -12.42 25.72
N ALA B 65 -0.40 -12.70 25.68
CA ALA B 65 -0.87 -14.01 25.31
C ALA B 65 -0.43 -14.37 23.89
N VAL B 66 -0.56 -13.44 22.95
CA VAL B 66 -0.07 -13.67 21.58
C VAL B 66 1.43 -13.95 21.53
N GLN B 67 2.21 -13.12 22.22
CA GLN B 67 3.65 -13.37 22.32
C GLN B 67 3.90 -14.77 22.88
N ASP B 68 3.20 -15.12 23.95
CA ASP B 68 3.41 -16.40 24.61
C ASP B 68 3.09 -17.57 23.68
N ALA B 69 1.99 -17.47 22.94
CA ALA B 69 1.61 -18.52 22.00
C ALA B 69 2.66 -18.69 20.89
N VAL B 70 3.14 -17.58 20.34
CA VAL B 70 4.15 -17.65 19.27
C VAL B 70 5.49 -18.13 19.80
N ALA B 71 5.82 -17.71 21.02
CA ALA B 71 7.05 -18.15 21.66
C ALA B 71 7.07 -19.67 21.77
N ALA B 72 5.89 -20.25 22.02
CA ALA B 72 5.74 -21.70 22.12
C ALA B 72 6.13 -22.40 20.81
N ARG B 73 5.93 -21.68 19.71
CA ARG B 73 6.29 -22.14 18.38
C ARG B 73 7.77 -21.98 18.08
N ILE B 74 8.34 -20.86 18.54
CA ILE B 74 9.74 -20.56 18.26
C ILE B 74 10.64 -21.66 18.81
N VAL B 75 10.38 -22.10 20.04
CA VAL B 75 11.20 -23.15 20.62
C VAL B 75 11.05 -24.50 19.92
N MET B 76 10.04 -24.64 19.06
CA MET B 76 9.90 -25.86 18.28
C MET B 76 10.91 -25.87 17.15
N GLY B 77 11.51 -24.70 16.89
CA GLY B 77 12.49 -24.58 15.84
C GLY B 77 11.81 -24.56 14.48
N ARG B 78 12.42 -25.22 13.50
CA ARG B 78 11.94 -25.13 12.12
C ARG B 78 10.57 -25.80 12.00
N GLU B 79 10.33 -26.78 12.87
CA GLU B 79 9.00 -27.42 12.99
C GLU B 79 7.90 -26.47 13.45
N GLY B 80 8.24 -25.40 14.17
CA GLY B 80 7.22 -24.52 14.71
C GLY B 80 6.62 -23.57 13.68
N PHE B 81 7.28 -23.43 12.56
CA PHE B 81 6.85 -22.51 11.51
C PHE B 81 5.47 -22.82 10.92
N GLN B 82 4.68 -21.78 10.69
CA GLN B 82 3.36 -21.89 10.04
C GLN B 82 3.21 -20.73 9.02
N PRO B 83 3.88 -20.86 7.87
CA PRO B 83 3.93 -19.72 6.94
C PRO B 83 2.57 -19.43 6.33
N GLU B 84 2.10 -18.20 6.48
CA GLU B 84 0.87 -17.78 5.82
C GLU B 84 1.05 -17.75 4.31
N TYR B 85 2.28 -17.47 3.88
CA TYR B 85 2.64 -17.25 2.47
C TYR B 85 4.14 -17.11 2.41
N ASP B 86 4.67 -16.95 1.19
CA ASP B 86 6.09 -16.69 0.98
C ASP B 86 6.39 -15.23 1.22
N ILE B 87 7.13 -14.96 2.30
CA ILE B 87 7.44 -13.59 2.65
C ILE B 87 8.34 -13.01 1.57
N TYR B 88 9.41 -13.71 1.21
CA TYR B 88 10.22 -13.30 0.08
C TYR B 88 9.89 -14.22 -1.09
N PRO B 89 10.01 -13.71 -2.32
CA PRO B 89 9.77 -14.59 -3.46
C PRO B 89 10.75 -15.75 -3.52
N ARG B 90 10.25 -16.96 -3.73
CA ARG B 90 11.15 -18.06 -4.01
C ARG B 90 11.86 -17.64 -5.29
N GLY B 91 13.15 -17.90 -5.39
CA GLY B 91 13.86 -17.51 -6.59
C GLY B 91 14.01 -15.99 -6.70
N LEU B 92 14.27 -15.37 -5.56
CA LEU B 92 14.63 -13.96 -5.48
C LEU B 92 16.05 -13.78 -6.02
N THR B 93 16.29 -12.71 -6.76
CA THR B 93 17.59 -12.42 -7.32
C THR B 93 17.97 -10.98 -7.01
N ASP B 94 19.12 -10.54 -7.51
CA ASP B 94 19.41 -9.11 -7.60
C ASP B 94 18.50 -8.47 -8.65
N PRO B 95 18.28 -7.14 -8.59
CA PRO B 95 18.86 -6.14 -7.67
C PRO B 95 18.27 -6.20 -6.27
N TRP B 96 17.13 -6.88 -6.12
CA TRP B 96 16.33 -6.81 -4.91
C TRP B 96 17.01 -7.44 -3.70
N ASP B 97 17.67 -8.57 -3.90
CA ASP B 97 18.34 -9.25 -2.81
C ASP B 97 19.43 -8.36 -2.20
N SER B 98 20.16 -7.67 -3.06
CA SER B 98 21.23 -6.76 -2.69
C SER B 98 20.74 -5.59 -1.84
N ARG B 99 19.53 -5.15 -2.14
CA ARG B 99 18.87 -4.10 -1.37
C ARG B 99 18.62 -4.61 0.05
N ARG B 100 18.17 -5.85 0.14
CA ARG B 100 17.93 -6.50 1.42
C ARG B 100 19.20 -6.56 2.24
N PHE B 101 20.28 -7.00 1.59
CA PHE B 101 21.51 -7.23 2.31
C PHE B 101 22.08 -5.91 2.80
N GLY B 102 21.85 -4.84 2.03
CA GLY B 102 22.24 -3.51 2.45
C GLY B 102 21.61 -3.04 3.76
N VAL B 103 20.28 -3.12 3.89
CA VAL B 103 19.67 -2.70 5.14
C VAL B 103 20.03 -3.66 6.26
N GLY B 104 20.08 -4.95 5.95
CA GLY B 104 20.41 -5.93 6.96
C GLY B 104 21.76 -5.65 7.63
N GLU B 105 22.82 -5.50 6.84
CA GLU B 105 24.14 -5.16 7.36
C GLU B 105 24.08 -3.87 8.20
N ALA B 106 23.39 -2.86 7.70
CA ALA B 106 23.23 -1.59 8.41
C ALA B 106 22.56 -1.78 9.77
N LEU B 107 21.42 -2.48 9.77
CA LEU B 107 20.71 -2.74 11.01
C LEU B 107 21.60 -3.48 12.01
N TYR B 108 22.24 -4.57 11.56
CA TYR B 108 23.08 -5.34 12.48
C TYR B 108 24.32 -4.58 12.95
N ALA B 109 24.87 -3.72 12.10
CA ALA B 109 25.99 -2.87 12.52
C ALA B 109 25.55 -1.95 13.66
N SER B 110 24.34 -1.39 13.57
CA SER B 110 23.85 -0.51 14.62
C SER B 110 23.64 -1.24 15.95
N LEU B 111 23.27 -2.52 15.89
CA LEU B 111 23.09 -3.33 17.10
C LEU B 111 24.41 -3.89 17.63
N GLY B 112 25.46 -3.83 16.83
CA GLY B 112 26.72 -4.40 17.23
C GLY B 112 26.57 -5.91 17.19
N ILE B 113 26.04 -6.43 16.08
CA ILE B 113 25.89 -7.87 15.92
C ILE B 113 26.62 -8.31 14.64
N ALA B 114 27.64 -9.14 14.84
CA ALA B 114 28.55 -9.58 13.79
C ALA B 114 27.94 -10.60 12.82
N ARG B 115 28.67 -10.91 11.76
CA ARG B 115 28.26 -11.91 10.79
C ARG B 115 28.20 -13.27 11.47
N ASP B 116 29.34 -13.67 12.04
CA ASP B 116 29.48 -14.91 12.79
C ASP B 116 28.53 -15.01 13.97
N ASP B 117 28.11 -13.85 14.50
CA ASP B 117 27.38 -13.75 15.76
C ASP B 117 25.98 -14.37 15.66
N LYS B 118 25.92 -15.70 15.73
CA LYS B 118 24.65 -16.41 15.60
C LYS B 118 23.74 -16.15 16.81
N ALA B 119 24.38 -15.91 17.94
CA ALA B 119 23.67 -15.63 19.18
C ALA B 119 22.80 -14.40 19.04
N GLY B 120 23.41 -13.30 18.59
CA GLY B 120 22.74 -12.03 18.48
C GLY B 120 21.67 -12.01 17.40
N ARG B 121 21.91 -12.73 16.31
CA ARG B 121 20.94 -12.76 15.23
C ARG B 121 19.70 -13.52 15.67
N ILE B 122 19.91 -14.55 16.50
CA ILE B 122 18.79 -15.26 17.09
C ILE B 122 18.00 -14.33 18.05
N ALA B 123 18.72 -13.60 18.90
CA ALA B 123 18.11 -12.69 19.85
C ALA B 123 17.31 -11.63 19.10
N GLN B 124 17.94 -11.06 18.08
CA GLN B 124 17.29 -10.09 17.25
C GLN B 124 16.05 -10.72 16.61
N PHE B 125 16.15 -12.00 16.22
CA PHE B 125 15.00 -12.74 15.71
C PHE B 125 13.87 -12.78 16.78
N GLN B 126 14.22 -13.21 17.98
CA GLN B 126 13.29 -13.25 19.08
C GLN B 126 12.70 -11.89 19.48
N GLN B 127 13.51 -10.84 19.43
CA GLN B 127 13.02 -9.50 19.69
C GLN B 127 11.87 -9.08 18.79
N ASN B 128 11.85 -9.57 17.54
CA ASN B 128 10.76 -9.31 16.61
C ASN B 128 9.43 -9.74 17.20
N TYR B 129 9.43 -10.90 17.84
CA TYR B 129 8.21 -11.48 18.37
C TYR B 129 7.83 -10.89 19.75
N ARG B 130 8.59 -9.89 20.18
CA ARG B 130 8.15 -9.04 21.28
C ARG B 130 7.70 -7.68 20.75
N GLY B 131 7.65 -7.54 19.43
CA GLY B 131 7.30 -6.25 18.84
C GLY B 131 8.29 -5.19 19.29
N PHE B 132 9.52 -5.62 19.56
CA PHE B 132 10.59 -4.72 19.95
C PHE B 132 10.26 -3.86 21.18
N GLY B 133 9.43 -4.38 22.07
CA GLY B 133 9.08 -3.69 23.30
C GLY B 133 7.99 -2.64 23.16
N ALA B 134 7.31 -2.64 22.01
CA ALA B 134 6.17 -1.73 21.81
C ALA B 134 4.99 -2.16 22.66
N PRO B 135 4.25 -1.20 23.23
CA PRO B 135 3.09 -1.52 24.10
C PRO B 135 1.85 -2.00 23.34
N VAL B 136 1.80 -1.77 22.03
CA VAL B 136 0.62 -2.14 21.24
C VAL B 136 1.05 -2.85 19.96
N MET B 137 0.38 -3.95 19.65
CA MET B 137 0.61 -4.60 18.36
C MET B 137 -0.66 -4.62 17.56
N LEU B 138 -0.56 -4.16 16.32
CA LEU B 138 -1.64 -4.21 15.36
C LEU B 138 -1.45 -5.42 14.41
N PHE B 139 -2.50 -6.20 14.22
CA PHE B 139 -2.43 -7.28 13.24
C PHE B 139 -3.34 -7.02 12.02
N LEU B 140 -2.73 -6.85 10.84
CA LEU B 140 -3.45 -6.58 9.61
C LEU B 140 -3.70 -7.88 8.84
N HIS B 141 -4.96 -8.14 8.53
CA HIS B 141 -5.40 -9.39 7.95
C HIS B 141 -6.61 -9.12 7.05
N CYS B 142 -6.96 -10.09 6.21
CA CYS B 142 -8.09 -9.91 5.33
C CYS B 142 -8.68 -11.26 4.97
N SER B 143 -9.86 -11.24 4.38
CA SER B 143 -10.45 -12.48 3.89
C SER B 143 -9.52 -13.16 2.90
N ARG B 144 -9.57 -14.49 2.93
CA ARG B 144 -8.75 -15.32 2.08
C ARG B 144 -9.23 -15.27 0.62
N ILE B 145 -10.41 -14.67 0.38
CA ILE B 145 -10.89 -14.49 -0.99
C ILE B 145 -10.18 -13.33 -1.75
N MET B 146 -9.50 -12.44 -1.00
CA MET B 146 -8.84 -11.26 -1.59
C MET B 146 -7.60 -11.56 -2.44
N GLY B 147 -7.40 -10.82 -3.53
CA GLY B 147 -6.25 -11.03 -4.38
C GLY B 147 -5.14 -9.99 -4.22
N PRO B 148 -4.04 -10.17 -4.96
CA PRO B 148 -2.92 -9.22 -4.98
C PRO B 148 -3.32 -7.74 -5.06
N PRO B 149 -4.30 -7.36 -5.93
CA PRO B 149 -4.59 -5.92 -5.92
C PRO B 149 -5.19 -5.49 -4.58
N GLN B 150 -5.95 -6.37 -3.93
CA GLN B 150 -6.47 -6.02 -2.61
C GLN B 150 -5.37 -6.03 -1.55
N TRP B 151 -4.30 -6.78 -1.76
CA TRP B 151 -3.16 -6.70 -0.84
C TRP B 151 -2.49 -5.34 -1.03
N ALA B 152 -2.48 -4.85 -2.26
CA ALA B 152 -1.94 -3.52 -2.50
C ALA B 152 -2.81 -2.50 -1.74
N ASP B 153 -4.12 -2.72 -1.74
CA ASP B 153 -5.03 -1.86 -0.96
C ASP B 153 -4.63 -1.80 0.51
N MET B 154 -4.34 -2.96 1.10
CA MET B 154 -3.94 -3.05 2.50
C MET B 154 -2.66 -2.20 2.73
N GLY B 155 -1.73 -2.28 1.79
CA GLY B 155 -0.50 -1.50 1.83
C GLY B 155 -0.80 0.00 1.85
N MET B 156 -1.73 0.45 1.01
CA MET B 156 -2.13 1.87 1.04
C MET B 156 -2.65 2.27 2.43
N TRP B 157 -3.42 1.38 3.06
CA TRP B 157 -3.99 1.68 4.38
C TRP B 157 -2.89 1.70 5.45
N LEU B 158 -2.03 0.69 5.42
CA LEU B 158 -0.94 0.56 6.39
C LEU B 158 0.06 1.75 6.35
N GLN B 159 0.47 2.14 5.15
CA GLN B 159 1.36 3.31 5.03
C GLN B 159 0.64 4.54 5.54
N SER B 160 -0.66 4.65 5.28
CA SER B 160 -1.45 5.73 5.85
C SER B 160 -1.37 5.71 7.37
N VAL B 161 -1.50 4.53 7.98
CA VAL B 161 -1.40 4.40 9.42
C VAL B 161 0.00 4.82 9.93
N MET B 162 1.04 4.30 9.30
CA MET B 162 2.41 4.61 9.70
C MET B 162 2.73 6.11 9.59
N LEU B 163 2.30 6.77 8.52
CA LEU B 163 2.51 8.23 8.41
C LEU B 163 1.77 9.03 9.49
N LEU B 164 0.53 8.62 9.80
CA LEU B 164 -0.26 9.34 10.79
C LEU B 164 0.33 9.18 12.19
N LEU B 165 0.90 8.01 12.47
CA LEU B 165 1.51 7.77 13.77
C LEU B 165 2.65 8.76 13.96
N VAL B 166 3.51 8.84 12.94
CA VAL B 166 4.66 9.73 12.98
C VAL B 166 4.20 11.19 13.16
N GLU B 167 3.14 11.59 12.45
CA GLU B 167 2.61 12.94 12.60
C GLU B 167 2.21 13.25 14.04
N HIS B 168 1.75 12.22 14.76
CA HIS B 168 1.25 12.39 16.12
C HIS B 168 2.30 12.08 17.17
N GLY B 169 3.56 12.05 16.78
CA GLY B 169 4.63 11.80 17.73
C GLY B 169 4.71 10.33 18.13
N LEU B 170 4.01 9.47 17.40
CA LEU B 170 4.17 8.03 17.66
C LEU B 170 5.12 7.42 16.63
N ALA B 171 5.27 6.10 16.69
CA ALA B 171 6.22 5.37 15.85
C ALA B 171 5.74 3.94 15.59
N SER B 172 6.32 3.28 14.59
CA SER B 172 5.90 1.91 14.29
C SER B 172 6.98 1.08 13.62
N CYS B 173 6.76 -0.24 13.61
CA CYS B 173 7.57 -1.13 12.81
C CYS B 173 6.68 -2.17 12.19
N PRO B 174 6.60 -2.18 10.85
CA PRO B 174 5.83 -3.17 10.11
C PRO B 174 6.51 -4.51 10.23
N GLN B 175 5.76 -5.58 10.44
CA GLN B 175 6.39 -6.87 10.71
C GLN B 175 5.73 -8.05 10.04
N GLU B 176 6.40 -8.58 9.03
CA GLU B 176 5.93 -9.77 8.35
C GLU B 176 6.35 -11.04 9.11
N CYS B 177 7.23 -10.87 10.09
CA CYS B 177 7.70 -12.02 10.89
C CYS B 177 6.54 -12.79 11.56
N TRP B 178 5.46 -12.09 11.86
CA TRP B 178 4.27 -12.73 12.43
C TRP B 178 3.59 -13.73 11.47
N ALA B 179 3.71 -13.49 10.16
CA ALA B 179 3.10 -14.37 9.17
C ALA B 179 3.76 -15.73 9.18
N MET B 180 4.98 -15.80 9.71
CA MET B 180 5.67 -17.07 9.88
C MET B 180 4.91 -18.03 10.81
N TYR B 181 4.02 -17.48 11.64
CA TYR B 181 3.24 -18.32 12.55
C TYR B 181 1.79 -17.89 12.47
N GLY B 182 1.31 -17.69 11.24
CA GLY B 182 -0.03 -17.17 11.01
C GLY B 182 -1.14 -17.89 11.74
N ALA B 183 -1.13 -19.21 11.67
CA ALA B 183 -2.21 -19.98 12.26
C ALA B 183 -2.17 -19.85 13.78
N THR B 184 -0.99 -19.81 14.37
CA THR B 184 -0.90 -19.58 15.81
C THR B 184 -1.48 -18.22 16.18
N VAL B 185 -1.09 -17.18 15.46
CA VAL B 185 -1.59 -15.83 15.74
C VAL B 185 -3.10 -15.72 15.54
N ARG B 186 -3.58 -16.22 14.39
CA ARG B 186 -5.01 -16.18 14.10
C ARG B 186 -5.81 -16.96 15.14
N ALA B 187 -5.30 -18.11 15.57
CA ALA B 187 -6.00 -18.92 16.56
C ALA B 187 -6.09 -18.16 17.88
N GLU B 188 -5.01 -17.48 18.22
CA GLU B 188 -4.95 -16.74 19.48
C GLU B 188 -5.87 -15.52 19.47
N LEU B 189 -5.97 -14.86 18.32
CA LEU B 189 -6.83 -13.69 18.21
C LEU B 189 -8.30 -14.07 18.10
N GLY B 190 -8.57 -15.35 17.86
CA GLY B 190 -9.93 -15.81 17.66
C GLY B 190 -10.39 -15.63 16.23
N LEU B 191 -9.42 -15.59 15.31
CA LEU B 191 -9.70 -15.47 13.89
C LEU B 191 -9.88 -16.85 13.26
N GLY B 192 -10.82 -16.95 12.31
CA GLY B 192 -11.06 -18.19 11.59
C GLY B 192 -10.07 -18.39 10.45
N ASP B 193 -10.20 -19.53 9.77
CA ASP B 193 -9.29 -19.87 8.69
C ASP B 193 -9.81 -19.28 7.38
N ASP B 194 -10.87 -18.49 7.49
CA ASP B 194 -11.38 -17.66 6.41
C ASP B 194 -10.51 -16.43 6.25
N GLN B 195 -9.72 -16.16 7.28
CA GLN B 195 -8.88 -14.96 7.30
C GLN B 195 -7.42 -15.35 7.07
N ILE B 196 -6.68 -14.49 6.39
CA ILE B 196 -5.23 -14.68 6.21
C ILE B 196 -4.51 -13.49 6.83
N LEU B 197 -3.47 -13.77 7.60
CA LEU B 197 -2.69 -12.73 8.25
C LEU B 197 -1.62 -12.24 7.30
N PHE B 198 -1.62 -10.93 7.01
CA PHE B 198 -0.58 -10.35 6.19
C PHE B 198 0.63 -9.92 7.03
N SER B 199 0.41 -9.01 7.96
CA SER B 199 1.53 -8.41 8.67
C SER B 199 1.13 -7.92 10.05
N GLY B 200 2.13 -7.80 10.92
CA GLY B 200 1.92 -7.11 12.17
C GLY B 200 2.44 -5.69 12.02
N LEU B 201 2.10 -4.84 12.99
CA LEU B 201 2.67 -3.50 13.07
C LEU B 201 2.84 -3.14 14.54
N ALA B 202 4.09 -3.15 15.01
CA ALA B 202 4.38 -2.72 16.36
C ALA B 202 4.13 -1.22 16.47
N ILE B 203 3.48 -0.79 17.56
CA ILE B 203 3.11 0.63 17.77
C ILE B 203 3.43 1.13 19.17
N GLY B 204 4.10 2.29 19.26
CA GLY B 204 4.39 2.90 20.55
C GLY B 204 5.23 4.14 20.40
N HIS B 205 5.78 4.63 21.51
CA HIS B 205 6.69 5.76 21.48
C HIS B 205 8.12 5.27 21.28
N ALA B 206 8.77 5.79 20.24
CA ALA B 206 10.11 5.37 19.86
C ALA B 206 11.13 5.68 20.93
N ASP B 207 12.09 4.80 21.13
CA ASP B 207 13.23 5.14 21.96
C ASP B 207 14.25 5.81 21.06
N GLU B 208 14.31 7.14 21.11
CA GLU B 208 15.12 7.85 20.13
C GLU B 208 16.58 7.90 20.54
N GLU B 209 16.90 7.37 21.72
CA GLU B 209 18.29 7.28 22.16
C GLU B 209 18.89 5.97 21.65
N ALA B 210 18.02 5.09 21.18
CA ALA B 210 18.45 3.79 20.71
C ALA B 210 19.14 3.85 19.34
N PRO B 211 20.38 3.36 19.27
CA PRO B 211 21.19 3.40 18.07
C PRO B 211 20.50 2.70 16.89
N VAL B 212 19.78 1.63 17.17
CA VAL B 212 19.04 0.89 16.14
C VAL B 212 17.93 1.74 15.49
N ASN B 213 17.56 2.83 16.15
CA ASN B 213 16.55 3.75 15.64
C ASN B 213 17.17 4.98 15.00
N ARG B 214 18.48 4.99 14.87
CA ARG B 214 19.18 6.22 14.49
C ARG B 214 20.05 6.14 13.20
N TRP B 215 20.32 4.94 12.69
CA TRP B 215 21.15 4.79 11.49
C TRP B 215 20.41 5.21 10.21
N PRO B 216 21.15 5.77 9.23
CA PRO B 216 20.57 6.20 7.94
C PRO B 216 20.10 5.03 7.08
N VAL B 217 18.81 4.94 6.77
CA VAL B 217 18.33 3.80 5.97
C VAL B 217 18.37 4.11 4.48
N PRO B 218 19.03 3.23 3.69
CA PRO B 218 19.19 3.39 2.24
C PRO B 218 17.92 3.16 1.40
N ARG B 219 17.93 3.78 0.23
CA ARG B 219 16.94 3.57 -0.82
C ARG B 219 17.70 3.69 -2.15
N VAL B 220 17.30 2.94 -3.17
CA VAL B 220 17.94 3.10 -4.48
C VAL B 220 17.55 4.45 -5.13
N GLY B 221 18.38 4.94 -6.04
CA GLY B 221 18.08 6.18 -6.75
C GLY B 221 16.93 6.02 -7.74
N LEU B 222 16.31 7.13 -8.14
CA LEU B 222 15.19 7.11 -9.08
C LEU B 222 15.56 6.51 -10.44
N ASP B 223 16.86 6.46 -10.75
CA ASP B 223 17.31 5.90 -12.01
C ASP B 223 17.05 4.40 -12.03
N GLU B 224 16.84 3.82 -10.87
CA GLU B 224 16.45 2.41 -10.80
C GLU B 224 14.92 2.25 -10.68
N VAL B 225 14.20 3.35 -10.67
CA VAL B 225 12.77 3.29 -10.35
C VAL B 225 11.83 3.79 -11.46
N ILE B 226 12.15 4.96 -12.00
CA ILE B 226 11.23 5.65 -12.89
C ILE B 226 11.81 5.67 -14.30
N ASP B 227 10.99 5.24 -15.26
CA ASP B 227 11.25 5.44 -16.70
C ASP B 227 10.35 6.55 -17.21
N TRP B 228 10.93 7.55 -17.86
CA TRP B 228 10.18 8.66 -18.43
C TRP B 228 10.01 8.53 -19.93
N GLN B 229 8.76 8.61 -20.41
CA GLN B 229 8.47 8.53 -21.84
C GLN B 229 7.58 9.68 -22.28
N GLY B 230 7.99 10.38 -23.33
CA GLY B 230 7.18 11.42 -23.92
C GLY B 230 7.46 12.85 -23.47
N PHE B 231 8.47 13.04 -22.64
CA PHE B 231 8.74 14.39 -22.13
C PHE B 231 9.74 15.15 -22.98
N1 FMN C . -11.44 4.55 -10.09
C2 FMN C . -11.87 4.49 -11.41
O2 FMN C . -12.76 5.21 -11.83
N3 FMN C . -11.30 3.63 -12.33
C4 FMN C . -10.30 2.79 -11.95
O4 FMN C . -9.79 2.04 -12.80
C4A FMN C . -9.87 2.82 -10.62
N5 FMN C . -8.84 1.97 -10.25
C5A FMN C . -8.35 1.98 -8.96
C6 FMN C . -7.32 1.12 -8.64
C7 FMN C . -6.81 1.11 -7.37
C7M FMN C . -5.67 0.19 -6.99
C8 FMN C . -7.33 1.95 -6.41
C8M FMN C . -6.74 1.91 -5.04
C9 FMN C . -8.37 2.81 -6.73
C9A FMN C . -8.90 2.84 -8.02
N10 FMN C . -9.94 3.70 -8.37
C10 FMN C . -10.42 3.70 -9.69
C1' FMN C . -10.53 4.65 -7.36
C2' FMN C . -11.50 3.97 -6.39
O2' FMN C . -12.76 3.78 -6.96
C3' FMN C . -11.58 4.88 -5.16
O3' FMN C . -10.31 4.86 -4.56
C4' FMN C . -12.63 4.51 -4.09
O4' FMN C . -13.96 4.71 -4.56
C5' FMN C . -12.43 5.44 -2.91
O5' FMN C . -12.75 6.77 -3.34
P FMN C . -11.67 7.96 -3.25
O1P FMN C . -12.10 9.06 -4.21
O2P FMN C . -10.29 7.50 -3.64
O3P FMN C . -11.64 8.46 -1.82
N1 FMN D . 11.52 -5.23 9.73
C2 FMN D . 11.93 -6.13 10.69
O2 FMN D . 12.95 -5.91 11.34
N3 FMN D . 11.19 -7.30 10.88
C4 FMN D . 10.04 -7.54 10.15
O4 FMN D . 9.39 -8.58 10.36
C4A FMN D . 9.64 -6.60 9.20
N5 FMN D . 8.52 -6.81 8.45
C5A FMN D . 8.12 -5.86 7.52
C6 FMN D . 6.95 -6.08 6.79
C7 FMN D . 6.52 -5.16 5.86
C7M FMN D . 5.26 -5.43 5.08
C8 FMN D . 7.25 -3.99 5.64
C8M FMN D . 6.77 -2.98 4.64
C9 FMN D . 8.43 -3.77 6.37
C9A FMN D . 8.85 -4.70 7.32
N10 FMN D . 10.01 -4.51 8.06
C10 FMN D . 10.38 -5.45 8.99
C1' FMN D . 10.85 -3.26 7.92
C2' FMN D . 11.69 -3.19 6.64
O2' FMN D . 12.91 -3.87 6.75
C3' FMN D . 11.94 -1.72 6.34
O3' FMN D . 10.73 -1.14 5.95
C4' FMN D . 12.97 -1.48 5.23
O4' FMN D . 14.20 -2.03 5.66
C5' FMN D . 13.14 0.02 5.00
O5' FMN D . 13.53 0.55 6.26
P FMN D . 12.67 1.70 7.01
O1P FMN D . 12.74 2.98 6.18
O2P FMN D . 13.25 1.97 8.40
O3P FMN D . 11.23 1.32 7.08
#